data_2VLA
#
_entry.id   2VLA
#
_cell.length_a   56.292
_cell.length_b   167.513
_cell.length_c   43.846
_cell.angle_alpha   90.00
_cell.angle_beta   90.00
_cell.angle_gamma   90.00
#
_symmetry.space_group_name_H-M   'P 21 21 2'
#
loop_
_entity.id
_entity.type
_entity.pdbx_description
1 polymer 'RESTRICTION ENDONUCLEASE R.BPUJI'
2 polymer "5'-D(*GP*GP*TP*AP*CP*CP*CP*GP*TP*GP *GP*A)-3'"
3 polymer "5'-D(*TP*CP*CP*AP*CP*GP*GP*GP*TP*AP *CP*C)-3'"
4 non-polymer 1-(2-METHOXY-ETHOXY)-2-{2-[2-(2-METHOXY-ETHOXY]-ETHOXY}-ETHANE
5 non-polymer 'SODIUM ION'
6 water water
#
loop_
_entity_poly.entity_id
_entity_poly.type
_entity_poly.pdbx_seq_one_letter_code
_entity_poly.pdbx_strand_id
1 'polypeptide(L)'
;MNYNPEEQFRCTIIRGKAKNMLDNLLPAYANIIDDICPCDKASFVKDFNNRLIEILGEETTKKTLDNHRTEIAGKLFGMF
YEDDEVIFPSGRTNKYIEDSDQPAFFKDICFKFQFPNGMDKLDKVIEKVGAKIQIRQFPYILQVLLTADNNNIQLSKDDI
AYYVLNSLQVLQGKIKPIEVIEKIIEDRSNDITKKVRHPGKETSYSMQHIREQLNYLELANLIRIDGNLVKLNYREAENI
NYIAQFWGNKPEFNAYKYDFTSEDDKKSFFKDWQQYYSNVNSHKS
;
A
2 'polydeoxyribonucleotide' (DG)(DG)(DT)(DA)(DC)(DC)(DC)(DG)(DT)(DG)(DG)(DA) L
3 'polydeoxyribonucleotide' (DT)(DC)(DC)(DA)(DC)(DG)(DG)(DG)(DT)(DA)(DC)(DC) M
#
# COMPACT_ATOMS: atom_id res chain seq x y z
N MET A 1 19.69 -14.06 -7.38
CA MET A 1 20.11 -15.45 -7.70
C MET A 1 19.41 -16.45 -6.78
N ASN A 2 19.18 -17.64 -7.30
CA ASN A 2 18.58 -18.69 -6.52
C ASN A 2 17.21 -18.27 -6.01
N TYR A 3 16.47 -17.56 -6.84
CA TYR A 3 15.10 -17.17 -6.52
C TYR A 3 14.27 -18.40 -6.26
N ASN A 4 13.70 -18.47 -5.06
CA ASN A 4 12.82 -19.54 -4.70
C ASN A 4 11.57 -18.98 -4.09
N PRO A 5 10.51 -18.89 -4.90
CA PRO A 5 9.23 -18.35 -4.41
C PRO A 5 8.53 -19.25 -3.41
N GLU A 6 9.04 -20.46 -3.22
CA GLU A 6 8.42 -21.37 -2.26
C GLU A 6 8.43 -20.78 -0.85
N GLU A 7 9.40 -19.93 -0.55
CA GLU A 7 9.40 -19.19 0.72
C GLU A 7 8.34 -18.08 0.67
N GLN A 8 7.27 -18.28 1.40
CA GLN A 8 6.13 -17.39 1.33
C GLN A 8 5.98 -16.63 2.63
N PHE A 9 5.42 -15.42 2.56
CA PHE A 9 5.30 -14.56 3.73
C PHE A 9 4.14 -13.60 3.56
N ARG A 10 3.12 -13.75 4.42
CA ARG A 10 1.97 -12.87 4.38
C ARG A 10 2.34 -11.50 4.92
N CYS A 11 2.16 -10.49 4.07
CA CYS A 11 2.60 -9.16 4.37
C CYS A 11 1.48 -8.17 4.02
N THR A 12 0.69 -7.82 5.02
CA THR A 12 -0.57 -7.14 4.75
C THR A 12 -0.41 -5.64 4.61
N ILE A 13 -1.46 -5.04 4.03
CA ILE A 13 -1.76 -3.65 4.21
C ILE A 13 -3.13 -3.57 4.86
N ILE A 14 -3.44 -2.39 5.39
CA ILE A 14 -4.70 -2.12 6.04
C ILE A 14 -5.85 -2.46 5.10
N ARG A 15 -6.89 -3.07 5.68
CA ARG A 15 -8.05 -3.49 4.90
C ARG A 15 -8.95 -2.30 4.55
N GLY A 16 -9.35 -2.23 3.29
CA GLY A 16 -10.04 -1.04 2.78
C GLY A 16 -11.45 -0.79 3.33
N LYS A 17 -11.85 0.46 3.28
CA LYS A 17 -13.20 0.85 3.61
C LYS A 17 -13.82 1.83 2.63
N ALA A 18 -13.04 2.34 1.68
CA ALA A 18 -13.48 3.50 0.89
C ALA A 18 -13.58 3.26 -0.62
N LYS A 19 -13.33 2.04 -1.07
CA LYS A 19 -13.33 1.76 -2.52
C LYS A 19 -14.71 1.93 -3.15
N ASN A 20 -15.72 1.25 -2.60
CA ASN A 20 -17.07 1.27 -3.20
C ASN A 20 -17.62 2.68 -3.36
N MET A 21 -17.34 3.54 -2.38
CA MET A 21 -17.86 4.91 -2.36
C MET A 21 -16.78 5.96 -2.44
N LEU A 22 -15.67 5.64 -3.09
CA LEU A 22 -14.47 6.47 -3.04
C LEU A 22 -14.75 7.91 -3.53
N ASP A 23 -15.57 8.06 -4.55
CA ASP A 23 -15.74 9.35 -5.14
C ASP A 23 -16.56 10.29 -4.24
N ASN A 24 -17.29 9.72 -3.28
CA ASN A 24 -17.88 10.51 -2.19
C ASN A 24 -17.02 10.59 -0.93
N LEU A 25 -16.40 9.48 -0.55
CA LEU A 25 -15.65 9.45 0.70
C LEU A 25 -14.34 10.23 0.66
N LEU A 26 -13.64 10.21 -0.45
CA LEU A 26 -12.34 10.90 -0.49
C LEU A 26 -12.51 12.42 -0.34
N PRO A 27 -13.46 13.02 -1.09
CA PRO A 27 -13.74 14.42 -0.80
C PRO A 27 -14.22 14.68 0.61
N ALA A 28 -15.04 13.78 1.17
CA ALA A 28 -15.50 13.95 2.52
C ALA A 28 -14.35 13.94 3.52
N TYR A 29 -13.49 12.92 3.45
CA TYR A 29 -12.36 12.85 4.36
C TYR A 29 -11.57 14.18 4.26
N ALA A 30 -11.27 14.61 3.04
CA ALA A 30 -10.39 15.75 2.83
C ALA A 30 -11.02 17.04 3.35
N ASN A 31 -12.30 17.22 3.06
CA ASN A 31 -13.00 18.45 3.43
C ASN A 31 -13.23 18.52 4.92
N ILE A 32 -13.55 17.38 5.52
CA ILE A 32 -13.68 17.32 6.97
C ILE A 32 -12.37 17.73 7.62
N ILE A 33 -11.28 17.11 7.20
CA ILE A 33 -9.98 17.39 7.78
C ILE A 33 -9.57 18.86 7.56
N ASP A 34 -9.73 19.35 6.35
CA ASP A 34 -9.35 20.72 6.01
C ASP A 34 -10.15 21.73 6.86
N ASP A 35 -11.44 21.42 7.08
CA ASP A 35 -12.32 22.33 7.82
C ASP A 35 -11.98 22.38 9.31
N ILE A 36 -11.82 21.21 9.93
CA ILE A 36 -11.74 21.15 11.39
C ILE A 36 -10.32 21.26 11.92
N CYS A 37 -9.33 21.05 11.07
CA CYS A 37 -7.91 21.17 11.49
C CYS A 37 -7.32 22.52 11.06
N PRO A 38 -6.26 22.97 11.77
CA PRO A 38 -5.71 22.32 12.96
C PRO A 38 -6.64 22.40 14.16
N CYS A 39 -6.63 21.36 14.99
CA CYS A 39 -7.39 21.36 16.22
C CYS A 39 -6.86 20.34 17.22
N ASP A 40 -7.34 20.42 18.46
CA ASP A 40 -6.99 19.48 19.50
C ASP A 40 -7.51 18.09 19.18
N LYS A 41 -6.82 17.06 19.68
CA LYS A 41 -7.15 15.67 19.38
C LYS A 41 -8.57 15.32 19.79
N ALA A 42 -8.94 15.71 21.01
CA ALA A 42 -10.29 15.41 21.52
C ALA A 42 -11.37 15.97 20.60
N SER A 43 -11.19 17.22 20.18
CA SER A 43 -12.12 17.88 19.30
C SER A 43 -12.13 17.18 17.94
N PHE A 44 -10.97 16.71 17.51
CA PHE A 44 -10.84 16.07 16.19
C PHE A 44 -11.70 14.82 16.09
N VAL A 45 -11.64 13.98 17.10
CA VAL A 45 -12.40 12.74 17.12
C VAL A 45 -13.88 13.01 16.98
N LYS A 46 -14.38 13.94 17.80
CA LYS A 46 -15.82 14.20 17.84
C LYS A 46 -16.29 14.82 16.55
N ASP A 47 -15.56 15.84 16.10
CA ASP A 47 -15.95 16.60 14.93
C ASP A 47 -15.83 15.79 13.64
N PHE A 48 -14.77 14.98 13.55
CA PHE A 48 -14.60 14.11 12.40
C PHE A 48 -15.77 13.13 12.30
N ASN A 49 -16.05 12.43 13.39
CA ASN A 49 -17.10 11.41 13.40
C ASN A 49 -18.48 12.01 13.11
N ASN A 50 -18.75 13.18 13.68
CA ASN A 50 -20.03 13.84 13.47
C ASN A 50 -20.27 14.22 12.02
N ARG A 51 -19.21 14.57 11.30
CA ARG A 51 -19.31 14.85 9.87
C ARG A 51 -19.40 13.57 9.03
N LEU A 52 -18.56 12.58 9.35
CA LEU A 52 -18.48 11.37 8.51
C LEU A 52 -19.78 10.57 8.56
N ILE A 53 -20.45 10.59 9.69
CA ILE A 53 -21.66 9.79 9.83
C ILE A 53 -22.79 10.26 8.86
N GLU A 54 -22.72 11.50 8.42
CA GLU A 54 -23.64 12.01 7.42
C GLU A 54 -23.43 11.37 6.05
N ILE A 55 -22.22 10.88 5.80
CA ILE A 55 -21.90 10.22 4.55
C ILE A 55 -22.21 8.72 4.62
N LEU A 56 -21.84 8.10 5.75
CA LEU A 56 -21.92 6.66 5.89
C LEU A 56 -23.33 6.20 6.29
N GLY A 57 -24.06 7.05 6.99
CA GLY A 57 -25.46 6.76 7.36
C GLY A 57 -25.65 6.68 8.86
N GLU A 58 -26.86 6.96 9.32
CA GLU A 58 -27.13 7.17 10.75
C GLU A 58 -27.00 5.87 11.59
N GLU A 59 -27.01 4.74 10.90
N GLU A 59 -27.04 4.72 10.93
CA GLU A 59 -26.95 3.45 11.56
CA GLU A 59 -26.94 3.44 11.63
C GLU A 59 -25.50 3.01 11.88
C GLU A 59 -25.49 2.97 11.83
N THR A 60 -24.53 3.76 11.34
CA THR A 60 -23.09 3.43 11.49
C THR A 60 -22.68 3.51 12.96
N THR A 61 -22.02 2.46 13.45
CA THR A 61 -21.53 2.47 14.82
C THR A 61 -20.36 3.42 15.01
N LYS A 62 -20.15 3.86 16.23
CA LYS A 62 -18.97 4.65 16.57
C LYS A 62 -17.69 3.92 16.22
N LYS A 63 -17.67 2.61 16.45
CA LYS A 63 -16.47 1.82 16.16
C LYS A 63 -16.07 1.96 14.68
N THR A 64 -17.05 1.87 13.81
CA THR A 64 -16.82 2.00 12.38
C THR A 64 -16.33 3.38 12.03
N LEU A 65 -16.95 4.40 12.60
CA LEU A 65 -16.51 5.77 12.38
C LEU A 65 -15.04 5.94 12.83
N ASP A 66 -14.74 5.48 14.03
CA ASP A 66 -13.39 5.53 14.56
C ASP A 66 -12.41 4.82 13.63
N ASN A 67 -12.79 3.65 13.16
CA ASN A 67 -11.90 2.87 12.30
C ASN A 67 -11.65 3.59 10.96
N HIS A 68 -12.68 4.19 10.37
CA HIS A 68 -12.45 5.02 9.19
C HIS A 68 -11.40 6.09 9.51
N ARG A 69 -11.58 6.77 10.63
CA ARG A 69 -10.72 7.88 10.98
C ARG A 69 -9.28 7.43 11.13
N THR A 70 -9.08 6.38 11.91
CA THR A 70 -7.72 5.98 12.23
C THR A 70 -7.07 5.17 11.14
N GLU A 71 -7.80 4.20 10.60
CA GLU A 71 -7.21 3.25 9.65
C GLU A 71 -7.05 3.82 8.27
N ILE A 72 -8.05 4.58 7.81
CA ILE A 72 -8.12 4.96 6.40
C ILE A 72 -7.69 6.41 6.23
N ALA A 73 -8.40 7.33 6.82
CA ALA A 73 -8.01 8.73 6.72
C ALA A 73 -6.60 8.96 7.33
N GLY A 74 -6.34 8.35 8.48
CA GLY A 74 -5.06 8.51 9.16
C GLY A 74 -3.93 7.66 8.54
N LYS A 75 -4.01 6.35 8.70
CA LYS A 75 -2.89 5.49 8.32
C LYS A 75 -2.79 5.24 6.81
N LEU A 76 -3.81 4.62 6.22
CA LEU A 76 -3.64 4.10 4.86
C LEU A 76 -3.54 5.24 3.84
N PHE A 77 -4.39 6.26 3.97
CA PHE A 77 -4.36 7.37 3.01
C PHE A 77 -3.45 8.54 3.44
N GLY A 78 -3.01 8.54 4.69
CA GLY A 78 -2.07 9.57 5.17
C GLY A 78 -2.61 10.99 5.03
N MET A 79 -3.80 11.25 5.56
CA MET A 79 -4.49 12.49 5.30
C MET A 79 -4.36 13.54 6.42
N PHE A 80 -3.87 13.11 7.57
CA PHE A 80 -3.58 14.03 8.67
C PHE A 80 -2.42 13.51 9.50
N TYR A 81 -1.90 14.38 10.37
CA TYR A 81 -0.80 14.01 11.27
C TYR A 81 -0.91 14.84 12.52
N GLU A 82 -0.18 14.45 13.55
CA GLU A 82 -0.18 15.17 14.81
C GLU A 82 1.16 15.80 15.08
N ASP A 83 1.14 17.01 15.61
CA ASP A 83 2.36 17.64 16.12
C ASP A 83 2.04 18.50 17.34
N ASP A 84 2.81 18.31 18.41
CA ASP A 84 2.58 19.03 19.65
C ASP A 84 1.09 19.05 20.01
N GLU A 85 0.44 17.90 19.91
CA GLU A 85 -0.90 17.73 20.45
C GLU A 85 -1.99 18.42 19.62
N VAL A 86 -1.64 18.80 18.39
CA VAL A 86 -2.62 19.35 17.47
C VAL A 86 -2.64 18.52 16.17
N ILE A 87 -3.83 18.30 15.63
CA ILE A 87 -4.00 17.53 14.39
C ILE A 87 -4.06 18.46 13.20
N PHE A 88 -3.22 18.17 12.19
CA PHE A 88 -3.10 19.00 11.00
C PHE A 88 -3.48 18.21 9.75
N PRO A 89 -3.95 18.89 8.71
CA PRO A 89 -4.05 18.24 7.40
C PRO A 89 -2.68 17.93 6.85
N SER A 90 -2.52 16.79 6.20
CA SER A 90 -1.21 16.42 5.63
C SER A 90 -0.95 17.13 4.32
N GLY A 91 0.29 17.04 3.86
CA GLY A 91 0.66 17.52 2.51
C GLY A 91 -0.20 16.87 1.43
N ARG A 92 -0.45 15.57 1.56
CA ARG A 92 -1.22 14.87 0.54
C ARG A 92 -2.64 15.39 0.48
N THR A 93 -3.22 15.64 1.64
CA THR A 93 -4.55 16.23 1.69
C THR A 93 -4.54 17.63 1.10
N ASN A 94 -3.56 18.45 1.51
CA ASN A 94 -3.45 19.82 1.04
C ASN A 94 -3.40 19.88 -0.51
N LYS A 95 -2.64 18.97 -1.10
CA LYS A 95 -2.50 18.96 -2.56
C LYS A 95 -3.84 18.60 -3.23
N TYR A 96 -4.52 17.59 -2.71
CA TYR A 96 -5.79 17.14 -3.27
C TYR A 96 -6.86 18.23 -3.14
N ILE A 97 -6.83 18.95 -2.02
CA ILE A 97 -7.74 20.09 -1.80
C ILE A 97 -7.52 21.17 -2.91
N GLU A 98 -6.28 21.33 -3.36
CA GLU A 98 -5.97 22.29 -4.44
C GLU A 98 -6.27 21.75 -5.83
N ASP A 99 -5.99 20.47 -6.08
CA ASP A 99 -6.03 19.98 -7.48
C ASP A 99 -7.13 18.99 -7.83
N SER A 100 -7.83 18.46 -6.82
CA SER A 100 -8.94 17.49 -7.04
C SER A 100 -8.51 16.28 -7.91
N ASP A 101 -7.24 15.92 -7.86
CA ASP A 101 -6.70 14.91 -8.76
C ASP A 101 -6.59 13.59 -8.03
N GLN A 102 -7.61 12.77 -8.18
CA GLN A 102 -7.70 11.52 -7.46
C GLN A 102 -6.60 10.52 -7.91
N PRO A 103 -6.39 10.38 -9.23
CA PRO A 103 -5.30 9.50 -9.63
C PRO A 103 -3.95 9.94 -9.06
N ALA A 104 -3.70 11.25 -8.96
CA ALA A 104 -2.43 11.74 -8.41
C ALA A 104 -2.31 11.46 -6.93
N PHE A 105 -3.42 11.51 -6.22
CA PHE A 105 -3.47 11.16 -4.81
C PHE A 105 -2.98 9.73 -4.64
N PHE A 106 -3.48 8.83 -5.46
CA PHE A 106 -3.10 7.43 -5.36
C PHE A 106 -1.73 7.12 -5.96
N LYS A 107 -1.32 7.88 -6.98
N LYS A 107 -1.32 7.89 -6.95
CA LYS A 107 0.06 7.79 -7.48
CA LYS A 107 0.03 7.74 -7.47
C LYS A 107 1.03 8.05 -6.34
C LYS A 107 1.06 8.09 -6.39
N ASP A 108 0.76 9.08 -5.56
CA ASP A 108 1.64 9.47 -4.47
C ASP A 108 1.68 8.41 -3.38
N ILE A 109 0.52 7.86 -3.03
CA ILE A 109 0.47 6.72 -2.12
C ILE A 109 1.36 5.57 -2.63
N CYS A 110 1.27 5.26 -3.92
CA CYS A 110 2.02 4.14 -4.47
C CYS A 110 3.51 4.46 -4.48
N PHE A 111 3.84 5.73 -4.70
CA PHE A 111 5.24 6.16 -4.72
C PHE A 111 5.89 6.01 -3.35
N LYS A 112 5.14 6.33 -2.30
CA LYS A 112 5.64 6.37 -0.94
C LYS A 112 5.55 5.05 -0.16
N PHE A 113 4.66 4.16 -0.59
CA PHE A 113 4.42 2.93 0.14
C PHE A 113 5.71 2.12 0.21
N GLN A 114 5.86 1.37 1.29
CA GLN A 114 6.95 0.45 1.44
C GLN A 114 6.63 -0.54 2.51
N PHE A 115 7.42 -1.62 2.57
CA PHE A 115 7.46 -2.48 3.75
C PHE A 115 8.92 -2.49 4.23
N PRO A 116 9.15 -2.44 5.55
CA PRO A 116 8.14 -2.25 6.59
C PRO A 116 7.64 -0.83 6.61
N ASN A 117 6.61 -0.59 7.41
CA ASN A 117 6.07 0.73 7.56
C ASN A 117 5.42 0.94 8.92
N GLY A 118 4.98 2.16 9.17
CA GLY A 118 4.34 2.50 10.43
C GLY A 118 2.83 2.52 10.38
N MET A 119 2.25 1.89 9.37
CA MET A 119 0.78 1.66 9.36
C MET A 119 0.40 0.46 10.24
N ASP A 120 1.28 -0.53 10.26
CA ASP A 120 1.01 -1.78 10.93
C ASP A 120 1.04 -1.63 12.46
N LYS A 121 0.40 -2.58 13.11
CA LYS A 121 0.47 -2.72 14.57
C LYS A 121 1.90 -3.15 14.95
N LEU A 122 2.36 -2.73 16.12
CA LEU A 122 3.77 -2.95 16.49
C LEU A 122 4.22 -4.42 16.36
N ASP A 123 3.38 -5.36 16.76
CA ASP A 123 3.78 -6.77 16.69
C ASP A 123 4.03 -7.18 15.23
N LYS A 124 3.23 -6.64 14.32
CA LYS A 124 3.38 -6.93 12.90
C LYS A 124 4.65 -6.21 12.33
N VAL A 125 4.92 -4.99 12.78
CA VAL A 125 6.17 -4.31 12.44
C VAL A 125 7.39 -5.15 12.83
N ILE A 126 7.41 -5.61 14.07
CA ILE A 126 8.49 -6.42 14.57
C ILE A 126 8.65 -7.71 13.76
N GLU A 127 7.54 -8.32 13.35
N GLU A 127 7.55 -8.31 13.34
CA GLU A 127 7.60 -9.51 12.49
CA GLU A 127 7.61 -9.50 12.50
C GLU A 127 8.28 -9.19 11.15
C GLU A 127 8.27 -9.20 11.14
N LYS A 128 7.90 -8.08 10.53
CA LYS A 128 8.41 -7.74 9.22
C LYS A 128 9.88 -7.34 9.30
N VAL A 129 10.24 -6.59 10.32
CA VAL A 129 11.63 -6.26 10.56
C VAL A 129 12.44 -7.54 10.88
N GLY A 130 11.85 -8.45 11.66
CA GLY A 130 12.54 -9.72 11.99
C GLY A 130 12.81 -10.56 10.75
N ALA A 131 11.93 -10.43 9.75
CA ALA A 131 12.05 -11.17 8.51
C ALA A 131 12.96 -10.45 7.48
N LYS A 132 13.48 -9.28 7.85
CA LYS A 132 14.36 -8.51 6.99
C LYS A 132 13.66 -8.05 5.72
N ILE A 133 12.39 -7.74 5.82
N ILE A 133 12.37 -7.75 5.85
CA ILE A 133 11.66 -7.24 4.68
CA ILE A 133 11.58 -7.17 4.76
C ILE A 133 12.07 -5.79 4.41
C ILE A 133 12.10 -5.77 4.43
N GLN A 134 12.30 -5.47 3.14
CA GLN A 134 12.66 -4.09 2.71
C GLN A 134 12.42 -3.94 1.23
N ILE A 135 11.33 -3.25 0.88
N ILE A 135 11.31 -3.29 0.89
CA ILE A 135 10.94 -3.14 -0.49
CA ILE A 135 10.94 -3.15 -0.51
C ILE A 135 10.02 -1.94 -0.71
C ILE A 135 10.01 -1.96 -0.72
N ARG A 136 10.16 -1.31 -1.87
CA ARG A 136 9.17 -0.38 -2.38
C ARG A 136 8.33 -1.15 -3.38
N GLN A 137 7.16 -1.64 -2.93
CA GLN A 137 6.49 -2.68 -3.69
C GLN A 137 5.85 -2.19 -4.98
N PHE A 138 5.47 -0.92 -5.04
CA PHE A 138 4.82 -0.44 -6.26
C PHE A 138 5.79 -0.17 -7.43
N PRO A 139 6.94 0.51 -7.15
CA PRO A 139 7.97 0.48 -8.15
C PRO A 139 8.31 -0.95 -8.62
N TYR A 140 8.41 -1.88 -7.69
CA TYR A 140 8.78 -3.21 -8.02
C TYR A 140 7.74 -3.90 -8.93
N ILE A 141 6.45 -3.79 -8.56
CA ILE A 141 5.36 -4.37 -9.37
C ILE A 141 5.39 -3.80 -10.79
N LEU A 142 5.53 -2.48 -10.88
CA LEU A 142 5.55 -1.84 -12.17
C LEU A 142 6.74 -2.37 -13.02
N GLN A 143 7.93 -2.54 -12.41
CA GLN A 143 9.03 -3.08 -13.15
C GLN A 143 8.82 -4.54 -13.58
N VAL A 144 8.21 -5.34 -12.71
CA VAL A 144 7.87 -6.72 -13.06
C VAL A 144 6.92 -6.73 -14.30
N LEU A 145 5.93 -5.83 -14.28
CA LEU A 145 4.97 -5.76 -15.40
C LEU A 145 5.66 -5.29 -16.70
N LEU A 146 6.56 -4.30 -16.59
CA LEU A 146 7.33 -3.85 -17.76
C LEU A 146 8.15 -5.00 -18.32
N THR A 147 8.83 -5.71 -17.42
CA THR A 147 9.69 -6.81 -17.80
C THR A 147 8.89 -7.97 -18.42
N ALA A 148 7.68 -8.22 -17.89
CA ALA A 148 6.77 -9.20 -18.52
C ALA A 148 6.46 -8.80 -19.97
N ASP A 149 6.07 -7.55 -20.18
CA ASP A 149 5.78 -7.09 -21.54
C ASP A 149 7.00 -7.21 -22.45
N ASN A 150 8.17 -6.89 -21.91
CA ASN A 150 9.41 -6.94 -22.69
C ASN A 150 9.74 -8.37 -23.12
N ASN A 151 9.24 -9.33 -22.36
CA ASN A 151 9.44 -10.72 -22.63
C ASN A 151 8.18 -11.41 -23.17
N ASN A 152 7.23 -10.59 -23.63
CA ASN A 152 6.06 -11.09 -24.35
C ASN A 152 5.22 -12.09 -23.56
N ILE A 153 5.07 -11.83 -22.26
CA ILE A 153 4.07 -12.55 -21.47
C ILE A 153 3.23 -11.58 -20.67
N GLN A 154 2.06 -12.05 -20.22
CA GLN A 154 1.23 -11.25 -19.37
C GLN A 154 0.95 -12.00 -18.07
N LEU A 155 0.77 -11.26 -17.00
CA LEU A 155 0.64 -11.83 -15.67
C LEU A 155 -0.76 -11.71 -15.12
N SER A 156 -1.16 -12.69 -14.34
CA SER A 156 -2.42 -12.66 -13.63
C SER A 156 -2.23 -12.09 -12.24
N LYS A 157 -3.32 -11.79 -11.58
N LYS A 157 -3.33 -11.80 -11.58
CA LYS A 157 -3.28 -11.35 -10.20
CA LYS A 157 -3.30 -11.35 -10.20
C LYS A 157 -2.66 -12.43 -9.30
C LYS A 157 -2.67 -12.43 -9.30
N ASP A 158 -2.95 -13.69 -9.61
CA ASP A 158 -2.38 -14.80 -8.83
C ASP A 158 -0.85 -14.89 -9.01
N ASP A 159 -0.38 -14.61 -10.21
CA ASP A 159 1.07 -14.56 -10.46
C ASP A 159 1.72 -13.49 -9.59
N ILE A 160 1.12 -12.30 -9.57
N ILE A 160 1.14 -12.29 -9.59
CA ILE A 160 1.67 -11.21 -8.79
CA ILE A 160 1.66 -11.22 -8.76
C ILE A 160 1.57 -11.51 -7.28
C ILE A 160 1.62 -11.64 -7.30
N ALA A 161 0.53 -12.23 -6.89
CA ALA A 161 0.38 -12.63 -5.51
C ALA A 161 1.47 -13.58 -5.07
N TYR A 162 1.64 -14.69 -5.79
CA TYR A 162 2.53 -15.77 -5.34
C TYR A 162 3.97 -15.40 -5.55
N TYR A 163 4.27 -14.86 -6.71
CA TYR A 163 5.68 -14.66 -7.09
C TYR A 163 6.26 -13.36 -6.59
N VAL A 164 5.41 -12.39 -6.25
CA VAL A 164 5.87 -11.05 -5.85
C VAL A 164 5.38 -10.66 -4.46
N LEU A 165 4.06 -10.45 -4.28
CA LEU A 165 3.60 -9.78 -3.06
C LEU A 165 3.48 -10.69 -1.84
N ASN A 166 3.59 -12.01 -2.04
CA ASN A 166 3.66 -12.97 -0.94
C ASN A 166 4.98 -13.77 -0.94
N SER A 167 5.93 -13.37 -1.78
CA SER A 167 7.24 -14.04 -1.84
C SER A 167 8.21 -13.40 -0.83
N LEU A 168 8.64 -14.18 0.15
CA LEU A 168 9.56 -13.68 1.15
C LEU A 168 10.81 -13.07 0.51
N GLN A 169 11.41 -13.77 -0.46
CA GLN A 169 12.67 -13.31 -1.02
C GLN A 169 12.52 -12.01 -1.79
N VAL A 170 11.39 -11.88 -2.50
CA VAL A 170 11.14 -10.64 -3.19
C VAL A 170 10.95 -9.51 -2.19
N LEU A 171 10.16 -9.76 -1.13
CA LEU A 171 9.87 -8.76 -0.13
C LEU A 171 11.12 -8.35 0.68
N GLN A 172 12.10 -9.25 0.74
CA GLN A 172 13.40 -8.97 1.35
C GLN A 172 14.31 -8.19 0.44
N GLY A 173 13.89 -7.95 -0.79
CA GLY A 173 14.72 -7.16 -1.70
C GLY A 173 15.89 -7.94 -2.29
N LYS A 174 15.76 -9.26 -2.39
CA LYS A 174 16.85 -10.11 -2.87
C LYS A 174 16.79 -10.42 -4.36
N ILE A 175 15.65 -10.14 -4.99
CA ILE A 175 15.34 -10.71 -6.29
C ILE A 175 15.09 -9.62 -7.34
N LYS A 176 15.72 -9.79 -8.52
N LYS A 176 15.73 -9.68 -8.50
CA LYS A 176 15.47 -8.89 -9.67
CA LYS A 176 15.33 -8.72 -9.53
C LYS A 176 14.19 -9.30 -10.43
C LYS A 176 14.17 -9.22 -10.34
N PRO A 177 13.42 -8.30 -10.90
CA PRO A 177 12.23 -8.59 -11.69
C PRO A 177 12.46 -9.60 -12.80
N ILE A 178 13.59 -9.55 -13.49
CA ILE A 178 13.80 -10.54 -14.55
C ILE A 178 13.88 -11.96 -14.01
N GLU A 179 14.40 -12.13 -12.80
CA GLU A 179 14.38 -13.46 -12.16
C GLU A 179 12.96 -13.98 -11.95
N VAL A 180 12.04 -13.09 -11.57
CA VAL A 180 10.66 -13.47 -11.36
C VAL A 180 10.06 -13.91 -12.69
N ILE A 181 10.27 -13.10 -13.72
CA ILE A 181 9.73 -13.40 -15.02
C ILE A 181 10.27 -14.71 -15.58
N GLU A 182 11.56 -14.92 -15.45
CA GLU A 182 12.16 -16.16 -15.94
C GLU A 182 11.58 -17.40 -15.21
N LYS A 183 11.35 -17.25 -13.91
CA LYS A 183 10.77 -18.34 -13.13
C LYS A 183 9.31 -18.63 -13.54
N ILE A 184 8.54 -17.58 -13.78
CA ILE A 184 7.16 -17.75 -14.23
C ILE A 184 7.13 -18.48 -15.58
N ILE A 185 8.03 -18.09 -16.47
CA ILE A 185 8.08 -18.71 -17.78
C ILE A 185 8.46 -20.21 -17.65
N GLU A 186 9.41 -20.53 -16.79
N GLU A 186 9.43 -20.50 -16.79
CA GLU A 186 9.80 -21.93 -16.58
CA GLU A 186 9.84 -21.89 -16.51
C GLU A 186 8.64 -22.73 -15.98
C GLU A 186 8.64 -22.69 -16.00
N ASP A 187 7.98 -22.15 -14.97
CA ASP A 187 6.88 -22.83 -14.33
C ASP A 187 5.76 -23.12 -15.34
N ARG A 188 5.41 -22.13 -16.15
CA ARG A 188 4.36 -22.31 -17.15
C ARG A 188 4.73 -23.41 -18.13
N SER A 189 6.02 -23.48 -18.46
CA SER A 189 6.49 -24.48 -19.43
C SER A 189 6.38 -25.90 -18.86
N ASN A 190 6.25 -25.98 -17.54
CA ASN A 190 6.08 -27.25 -16.85
C ASN A 190 4.65 -27.41 -16.39
N ASP A 191 3.76 -26.58 -16.92
CA ASP A 191 2.32 -26.63 -16.58
C ASP A 191 2.09 -26.45 -15.08
N ILE A 192 2.90 -25.60 -14.46
CA ILE A 192 2.76 -25.26 -13.06
C ILE A 192 2.11 -23.89 -12.94
N THR A 193 0.99 -23.84 -12.22
CA THR A 193 0.33 -22.59 -11.91
C THR A 193 0.26 -22.46 -10.38
N LYS A 194 0.27 -21.23 -9.89
CA LYS A 194 0.36 -21.01 -8.45
C LYS A 194 -0.68 -20.01 -7.96
N LYS A 195 -1.13 -20.22 -6.73
N LYS A 195 -1.11 -20.19 -6.72
CA LYS A 195 -2.00 -19.27 -6.04
CA LYS A 195 -1.93 -19.20 -6.06
C LYS A 195 -1.58 -19.16 -4.58
C LYS A 195 -1.66 -19.21 -4.57
N VAL A 196 -2.03 -18.11 -3.92
CA VAL A 196 -1.75 -17.95 -2.49
C VAL A 196 -3.01 -18.31 -1.69
N ARG A 197 -2.87 -19.32 -0.84
CA ARG A 197 -3.92 -19.76 0.06
C ARG A 197 -3.27 -20.17 1.38
N HIS A 198 -4.07 -20.24 2.44
CA HIS A 198 -3.59 -20.55 3.77
C HIS A 198 -4.51 -21.59 4.39
N PRO A 199 -3.94 -22.52 5.18
CA PRO A 199 -4.70 -23.67 5.64
C PRO A 199 -5.87 -23.25 6.49
N GLY A 200 -7.08 -23.67 6.13
CA GLY A 200 -8.25 -23.36 6.93
C GLY A 200 -8.69 -21.90 6.90
N LYS A 201 -8.14 -21.10 5.99
CA LYS A 201 -8.48 -19.67 5.92
C LYS A 201 -9.26 -19.32 4.67
N GLU A 202 -10.12 -18.33 4.78
CA GLU A 202 -10.90 -17.88 3.65
C GLU A 202 -10.02 -17.07 2.70
N THR A 203 -10.47 -16.88 1.48
CA THR A 203 -9.65 -16.24 0.48
C THR A 203 -9.35 -14.77 0.80
N SER A 204 -10.22 -14.11 1.54
CA SER A 204 -9.94 -12.72 1.93
C SER A 204 -8.65 -12.63 2.76
N TYR A 205 -8.42 -13.59 3.63
CA TYR A 205 -7.21 -13.61 4.46
C TYR A 205 -6.00 -13.64 3.57
N SER A 206 -6.05 -14.46 2.55
CA SER A 206 -4.93 -14.70 1.68
C SER A 206 -4.70 -13.60 0.66
N MET A 207 -5.78 -13.00 0.18
CA MET A 207 -5.71 -12.21 -1.04
C MET A 207 -6.22 -10.77 -0.95
N GLN A 208 -6.97 -10.41 0.08
CA GLN A 208 -7.62 -9.12 0.00
C GLN A 208 -6.57 -8.00 -0.02
N HIS A 209 -5.52 -8.13 0.78
CA HIS A 209 -4.48 -7.10 0.83
C HIS A 209 -3.62 -7.05 -0.44
N ILE A 210 -3.57 -8.15 -1.17
CA ILE A 210 -2.90 -8.22 -2.42
C ILE A 210 -3.71 -7.56 -3.51
N ARG A 211 -4.98 -7.96 -3.62
N ARG A 211 -4.99 -7.94 -3.61
CA ARG A 211 -5.89 -7.30 -4.53
CA ARG A 211 -5.86 -7.28 -4.56
C ARG A 211 -5.93 -5.79 -4.28
C ARG A 211 -5.94 -5.78 -4.29
N GLU A 212 -6.02 -5.40 -3.03
CA GLU A 212 -6.19 -3.98 -2.71
C GLU A 212 -4.94 -3.13 -3.01
N GLN A 213 -3.77 -3.71 -2.84
CA GLN A 213 -2.57 -3.04 -3.33
C GLN A 213 -2.70 -2.78 -4.83
N LEU A 214 -3.09 -3.81 -5.60
CA LEU A 214 -3.26 -3.61 -7.00
C LEU A 214 -4.35 -2.54 -7.28
N ASN A 215 -5.44 -2.55 -6.51
CA ASN A 215 -6.46 -1.52 -6.66
C ASN A 215 -5.90 -0.11 -6.59
N TYR A 216 -4.96 0.13 -5.69
CA TYR A 216 -4.42 1.48 -5.55
C TYR A 216 -3.58 1.86 -6.78
N LEU A 217 -2.91 0.89 -7.36
N LEU A 217 -2.87 0.89 -7.36
CA LEU A 217 -2.19 1.12 -8.59
CA LEU A 217 -2.22 1.14 -8.65
C LEU A 217 -3.16 1.36 -9.78
C LEU A 217 -3.23 1.47 -9.72
N GLU A 218 -4.35 0.75 -9.71
CA GLU A 218 -5.37 0.97 -10.70
C GLU A 218 -6.02 2.36 -10.54
N LEU A 219 -6.26 2.75 -9.28
CA LEU A 219 -6.77 4.09 -9.01
C LEU A 219 -5.80 5.20 -9.41
N ALA A 220 -4.51 4.89 -9.40
CA ALA A 220 -3.46 5.80 -9.88
C ALA A 220 -3.41 5.84 -11.42
N ASN A 221 -4.28 5.05 -12.07
N ASN A 221 -4.22 4.99 -12.05
CA ASN A 221 -4.33 4.95 -13.52
CA ASN A 221 -4.33 4.93 -13.50
C ASN A 221 -3.04 4.39 -14.15
C ASN A 221 -3.13 4.26 -14.19
N LEU A 222 -2.33 3.55 -13.41
CA LEU A 222 -1.09 2.98 -13.92
C LEU A 222 -1.30 1.57 -14.48
N ILE A 223 -2.36 0.89 -14.02
CA ILE A 223 -2.69 -0.45 -14.50
C ILE A 223 -4.18 -0.60 -14.66
N ARG A 224 -4.56 -1.68 -15.34
N ARG A 224 -4.56 -1.67 -15.34
CA ARG A 224 -5.95 -2.09 -15.42
CA ARG A 224 -5.95 -2.10 -15.39
C ARG A 224 -6.02 -3.57 -15.05
C ARG A 224 -6.02 -3.57 -15.04
N ILE A 225 -6.85 -3.90 -14.07
CA ILE A 225 -7.04 -5.24 -13.61
C ILE A 225 -8.31 -5.77 -14.27
N ASP A 226 -8.19 -6.79 -15.08
CA ASP A 226 -9.39 -7.48 -15.58
C ASP A 226 -9.51 -8.86 -14.94
N GLY A 227 -10.48 -9.64 -15.39
CA GLY A 227 -10.75 -10.94 -14.78
C GLY A 227 -9.56 -11.90 -14.87
N ASN A 228 -8.76 -11.72 -15.91
CA ASN A 228 -7.71 -12.67 -16.26
C ASN A 228 -6.31 -12.12 -15.91
N LEU A 229 -6.09 -10.81 -16.10
CA LEU A 229 -4.73 -10.25 -16.23
C LEU A 229 -4.61 -8.93 -15.55
N VAL A 230 -3.36 -8.60 -15.16
CA VAL A 230 -3.03 -7.26 -14.74
C VAL A 230 -2.16 -6.65 -15.83
N LYS A 231 -2.61 -5.54 -16.42
CA LYS A 231 -1.90 -4.91 -17.54
C LYS A 231 -1.59 -3.45 -17.29
N LEU A 232 -0.42 -2.99 -17.75
CA LEU A 232 -0.07 -1.60 -17.69
C LEU A 232 -0.96 -0.76 -18.59
N ASN A 233 -1.22 0.46 -18.15
CA ASN A 233 -1.86 1.47 -18.96
C ASN A 233 -0.83 2.42 -19.60
N TYR A 234 -0.43 2.13 -20.83
CA TYR A 234 0.69 2.86 -21.43
C TYR A 234 0.34 4.31 -21.81
N ARG A 235 -0.93 4.68 -21.70
CA ARG A 235 -1.28 6.09 -21.76
C ARG A 235 -0.58 6.86 -20.65
N GLU A 236 -0.20 6.16 -19.57
CA GLU A 236 0.51 6.75 -18.44
C GLU A 236 1.97 6.27 -18.40
N ALA A 237 2.52 6.00 -19.59
CA ALA A 237 3.89 5.54 -19.71
C ALA A 237 4.88 6.42 -18.94
N GLU A 238 4.67 7.73 -18.96
CA GLU A 238 5.65 8.62 -18.30
C GLU A 238 5.69 8.37 -16.79
N ASN A 239 4.52 8.28 -16.18
CA ASN A 239 4.44 7.99 -14.75
C ASN A 239 4.88 6.57 -14.42
N ILE A 240 4.48 5.61 -15.23
CA ILE A 240 4.91 4.23 -15.03
C ILE A 240 6.43 4.14 -14.98
N ASN A 241 7.09 4.77 -15.93
CA ASN A 241 8.53 4.66 -15.98
C ASN A 241 9.23 5.38 -14.80
N TYR A 242 8.75 6.54 -14.44
CA TYR A 242 9.32 7.26 -13.34
C TYR A 242 9.27 6.42 -12.05
N ILE A 243 8.10 5.87 -11.74
CA ILE A 243 7.96 5.15 -10.53
C ILE A 243 8.69 3.81 -10.59
N ALA A 244 8.60 3.12 -11.72
CA ALA A 244 9.25 1.80 -11.87
C ALA A 244 10.74 1.88 -11.61
N GLN A 245 11.34 3.02 -11.93
N GLN A 245 11.35 3.02 -11.94
CA GLN A 245 12.81 3.18 -11.85
CA GLN A 245 12.82 3.16 -11.85
C GLN A 245 13.34 3.13 -10.41
C GLN A 245 13.34 3.13 -10.41
N PHE A 246 12.43 3.22 -9.44
CA PHE A 246 12.81 3.07 -8.04
C PHE A 246 12.78 1.63 -7.53
N TRP A 247 12.56 0.67 -8.42
CA TRP A 247 12.36 -0.71 -8.00
C TRP A 247 13.51 -1.28 -7.20
N GLY A 248 14.73 -0.84 -7.51
CA GLY A 248 15.94 -1.38 -6.86
C GLY A 248 16.41 -0.60 -5.66
N ASN A 249 15.66 0.44 -5.28
CA ASN A 249 16.03 1.28 -4.15
C ASN A 249 15.64 0.67 -2.82
N LYS A 250 16.47 0.83 -1.82
CA LYS A 250 16.06 0.59 -0.46
C LYS A 250 14.87 1.50 -0.16
N PRO A 251 14.00 1.07 0.76
CA PRO A 251 12.97 1.97 1.27
C PRO A 251 13.53 3.32 1.70
N GLU A 252 12.84 4.38 1.35
CA GLU A 252 13.23 5.72 1.74
C GLU A 252 13.22 5.90 3.26
N PHE A 253 12.22 5.31 3.89
CA PHE A 253 12.11 5.34 5.35
C PHE A 253 12.75 4.08 5.95
N ASN A 254 13.75 4.29 6.80
CA ASN A 254 14.53 3.19 7.33
C ASN A 254 14.02 2.70 8.69
N ALA A 255 13.29 1.58 8.66
CA ALA A 255 12.69 1.02 9.88
C ALA A 255 13.73 0.39 10.79
N TYR A 256 14.91 0.16 10.24
CA TYR A 256 15.93 -0.65 10.90
C TYR A 256 16.83 0.19 11.82
N LYS A 257 16.57 1.49 11.92
N LYS A 257 16.57 1.49 11.90
CA LYS A 257 17.33 2.34 12.82
CA LYS A 257 17.30 2.39 12.82
C LYS A 257 16.58 2.57 14.14
C LYS A 257 16.69 2.36 14.22
N TYR A 258 15.46 1.90 14.31
CA TYR A 258 14.69 2.00 15.52
C TYR A 258 14.84 0.75 16.39
N ASP A 259 14.95 0.95 17.69
CA ASP A 259 14.98 -0.14 18.65
C ASP A 259 13.57 -0.37 19.19
N PHE A 260 12.93 -1.46 18.78
CA PHE A 260 11.51 -1.66 19.08
C PHE A 260 11.28 -2.25 20.46
N THR A 261 12.35 -2.33 21.25
CA THR A 261 12.21 -2.60 22.68
C THR A 261 12.40 -1.31 23.47
N SER A 262 12.71 -0.22 22.78
CA SER A 262 12.82 1.10 23.41
C SER A 262 11.50 1.86 23.35
N GLU A 263 11.02 2.28 24.50
CA GLU A 263 9.74 2.97 24.58
C GLU A 263 9.75 4.27 23.77
N ASP A 264 10.87 4.99 23.81
CA ASP A 264 11.02 6.24 23.06
C ASP A 264 11.03 6.00 21.55
N ASP A 265 11.74 4.95 21.11
CA ASP A 265 11.84 4.62 19.68
C ASP A 265 10.50 4.13 19.14
N LYS A 266 9.77 3.35 19.94
CA LYS A 266 8.44 2.90 19.51
C LYS A 266 7.66 4.13 19.09
N LYS A 267 7.69 5.17 19.90
CA LYS A 267 6.89 6.35 19.66
C LYS A 267 7.41 7.15 18.46
N SER A 268 8.73 7.28 18.35
CA SER A 268 9.33 8.03 17.25
C SER A 268 9.06 7.34 15.91
N PHE A 269 9.09 6.02 15.92
CA PHE A 269 8.87 5.25 14.70
C PHE A 269 7.57 5.66 14.03
N PHE A 270 6.48 5.64 14.77
CA PHE A 270 5.20 5.92 14.19
C PHE A 270 5.03 7.38 13.81
N LYS A 271 5.63 8.28 14.58
CA LYS A 271 5.57 9.70 14.26
C LYS A 271 6.37 10.02 13.02
N ASP A 272 7.60 9.49 12.94
CA ASP A 272 8.46 9.72 11.80
C ASP A 272 7.87 9.08 10.54
N TRP A 273 7.29 7.90 10.68
CA TRP A 273 6.62 7.27 9.53
C TRP A 273 5.53 8.19 8.97
N GLN A 274 4.72 8.74 9.85
CA GLN A 274 3.59 9.54 9.39
C GLN A 274 4.08 10.82 8.65
N GLN A 275 5.18 11.38 9.14
N GLN A 275 5.16 11.40 9.14
CA GLN A 275 5.76 12.57 8.50
CA GLN A 275 5.74 12.56 8.49
C GLN A 275 6.34 12.25 7.12
C GLN A 275 6.27 12.21 7.10
N TYR A 276 7.00 11.10 7.00
CA TYR A 276 7.49 10.65 5.71
C TYR A 276 6.34 10.40 4.72
N TYR A 277 5.34 9.67 5.18
CA TYR A 277 4.31 9.12 4.28
C TYR A 277 3.27 10.14 3.87
N SER A 278 2.94 11.06 4.78
N SER A 278 2.96 11.08 4.76
CA SER A 278 1.80 11.95 4.59
CA SER A 278 1.80 11.95 4.58
C SER A 278 2.17 13.31 4.01
C SER A 278 2.17 13.33 4.04
N ASN A 279 3.44 13.71 4.18
CA ASN A 279 3.86 15.13 4.00
C ASN A 279 4.99 15.25 3.00
N VAL A 280 5.25 16.48 2.56
CA VAL A 280 6.28 16.71 1.54
C VAL A 280 7.65 16.89 2.17
#